data_6YBK
#
_entry.id   6YBK
#
_cell.length_a   98.890
_cell.length_b   136.600
_cell.length_c   38.310
_cell.angle_alpha   90.000
_cell.angle_beta   90.000
_cell.angle_gamma   90.000
#
_symmetry.space_group_name_H-M   'P 21 21 2'
#
loop_
_entity.id
_entity.type
_entity.pdbx_description
1 polymer 'Maltose/maltodextrin-binding periplasmic protein,Induced myeloid leukemia cell differentiation protein Mcl-1'
2 branched alpha-D-glucopyranose-(1-4)-alpha-D-glucopyranose
3 non-polymer 'CHLORIDE ION'
4 non-polymer '(2~{R})-2-[5-[3-chloranyl-2-methyl-4-[2-(4-methylpiperazin-1-yl)ethoxy]phenyl]-6-(4-fluorophenyl)thieno[2,3-d]pyrimidin-4-yl]oxy-3-[2-(pyrazin-2-ylmethoxy)phenyl]propanoic acid'
5 water water
#
_entity_poly.entity_id   1
_entity_poly.type   'polypeptide(L)'
_entity_poly.pdbx_seq_one_letter_code
;MKIEEGKLVIWINGDKGYNGLAEVGKKFEKDTGIKVTVEHPDKLEEKFPQVAATGDGPDIIFWAHDRFGGYAQSGLLAEI
TPDKAFQDKLYPFTWDAVRYNGKLIAYPIAVEALSLIYNKDLLPNPPKTWEEIPALDKELKAKGKSALMFNLQEPYFTWP
LIAADGGYAFKYAAGKYDIKDVGVDNAGAKAGLTFLVDLIKNKHMNADTDYSIAEAAFNKGETAMTINGPWAWSNIDTSA
VNYGVTVLPTFKGQPSKPFVGVLSAGINAASPNKELAKEFLENYLLTDEGLEAVNKDKPLGAVALKSYEEELAKDPRIAA
TMENAQKGEIMPNIPQMSAFWYAVRTAVINAASGRQTVDEALKDAQTGSELYRQSLEIISRYLREQATGAADTAPMGASG
ATSRKALETLRRVGDGVQRNHETAFQGMLRKLDIKNEDDVKSLSRVMIHVFSDGVTNWGRIVTLISFGAFVAKHLKTINQ
ESCIEPLAESITDVLVRTKRDWLVKQRGWDGFVEFFHV
;
_entity_poly.pdbx_strand_id   A
#
# COMPACT_ATOMS: atom_id res chain seq x y z
N LYS A 2 -19.63 12.34 14.04
CA LYS A 2 -18.98 13.34 13.16
C LYS A 2 -19.51 13.18 11.72
N ILE A 3 -19.84 11.96 11.29
CA ILE A 3 -20.34 11.72 9.92
C ILE A 3 -21.84 11.95 9.95
N GLU A 4 -22.34 12.73 8.99
CA GLU A 4 -23.76 13.17 8.94
C GLU A 4 -24.60 12.01 8.39
N GLU A 5 -25.71 11.74 9.06
CA GLU A 5 -26.66 10.68 8.67
C GLU A 5 -27.60 11.25 7.60
N GLY A 6 -28.13 10.37 6.75
CA GLY A 6 -29.08 10.74 5.68
C GLY A 6 -28.39 11.27 4.43
N LYS A 7 -27.10 10.99 4.22
CA LYS A 7 -26.46 11.26 2.90
C LYS A 7 -25.26 10.34 2.68
N LEU A 8 -24.62 10.43 1.50
CA LEU A 8 -23.39 9.66 1.19
C LEU A 8 -22.36 10.64 0.64
N VAL A 9 -21.21 10.65 1.32
CA VAL A 9 -19.94 11.27 0.86
C VAL A 9 -19.01 10.15 0.38
N ILE A 10 -18.52 10.27 -0.84
CA ILE A 10 -17.63 9.26 -1.50
C ILE A 10 -16.32 9.94 -1.83
N TRP A 11 -15.20 9.30 -1.47
CA TRP A 11 -13.80 9.64 -1.85
C TRP A 11 -13.32 8.67 -2.95
N ILE A 12 -12.85 9.21 -4.07
CA ILE A 12 -12.24 8.44 -5.19
C ILE A 12 -11.07 9.25 -5.72
N ASN A 13 -10.07 8.57 -6.25
CA ASN A 13 -8.86 9.23 -6.78
C ASN A 13 -9.20 10.09 -8.01
N GLY A 14 -8.45 11.19 -8.16
CA GLY A 14 -8.66 12.21 -9.21
C GLY A 14 -8.38 11.68 -10.60
N ASP A 15 -7.82 10.47 -10.76
CA ASP A 15 -7.57 9.86 -12.10
C ASP A 15 -8.73 8.94 -12.50
N LYS A 16 -9.68 8.68 -11.61
CA LYS A 16 -10.86 7.81 -11.92
C LYS A 16 -12.03 8.64 -12.43
N GLY A 17 -13.05 7.96 -12.92
CA GLY A 17 -14.24 8.58 -13.53
C GLY A 17 -15.18 9.11 -12.48
N TYR A 18 -14.83 10.20 -11.80
CA TYR A 18 -15.63 10.69 -10.66
C TYR A 18 -16.87 11.45 -11.13
N ASN A 19 -16.85 12.07 -12.31
CA ASN A 19 -18.07 12.66 -12.94
C ASN A 19 -19.06 11.53 -13.26
N GLY A 20 -18.58 10.44 -13.86
CA GLY A 20 -19.38 9.22 -14.07
C GLY A 20 -20.00 8.70 -12.77
N LEU A 21 -19.21 8.57 -11.70
CA LEU A 21 -19.69 8.08 -10.39
C LEU A 21 -20.77 9.05 -9.86
N ALA A 22 -20.58 10.36 -10.03
CA ALA A 22 -21.54 11.38 -9.58
C ALA A 22 -22.85 11.20 -10.35
N GLU A 23 -22.81 10.76 -11.62
CA GLU A 23 -24.03 10.47 -12.42
C GLU A 23 -24.74 9.26 -11.78
N VAL A 24 -24.00 8.25 -11.31
CA VAL A 24 -24.63 7.09 -10.60
C VAL A 24 -25.23 7.66 -9.30
N GLY A 25 -24.54 8.63 -8.68
CA GLY A 25 -24.99 9.34 -7.48
C GLY A 25 -26.34 10.02 -7.68
N LYS A 26 -26.56 10.70 -8.82
CA LYS A 26 -27.82 11.44 -9.11
C LYS A 26 -28.97 10.45 -9.26
N LYS A 27 -28.72 9.30 -9.90
CA LYS A 27 -29.74 8.26 -10.10
C LYS A 27 -30.15 7.70 -8.73
N PHE A 28 -29.21 7.58 -7.79
CA PHE A 28 -29.54 7.05 -6.43
C PHE A 28 -30.48 8.02 -5.72
N GLU A 29 -30.15 9.32 -5.82
CA GLU A 29 -30.88 10.45 -5.19
C GLU A 29 -32.29 10.53 -5.79
N LYS A 30 -32.40 10.36 -7.12
CA LYS A 30 -33.68 10.22 -7.84
C LYS A 30 -34.58 9.26 -7.05
N ASP A 31 -34.14 8.03 -6.84
CA ASP A 31 -34.98 6.94 -6.26
C ASP A 31 -35.22 7.17 -4.77
N THR A 32 -34.28 7.78 -4.06
CA THR A 32 -34.17 7.67 -2.57
C THR A 32 -34.37 9.01 -1.89
N GLY A 33 -34.09 10.13 -2.56
CA GLY A 33 -34.11 11.48 -1.96
C GLY A 33 -32.89 11.72 -1.10
N ILE A 34 -31.88 10.84 -1.23
CA ILE A 34 -30.59 10.90 -0.49
C ILE A 34 -29.52 11.47 -1.42
N LYS A 35 -28.92 12.61 -1.06
CA LYS A 35 -27.90 13.31 -1.89
C LYS A 35 -26.57 12.53 -1.83
N VAL A 36 -25.90 12.34 -2.97
CA VAL A 36 -24.56 11.67 -3.02
C VAL A 36 -23.52 12.68 -3.46
N THR A 37 -22.56 12.98 -2.59
CA THR A 37 -21.41 13.88 -2.88
C THR A 37 -20.19 13.03 -3.19
N VAL A 38 -19.64 13.16 -4.40
CA VAL A 38 -18.35 12.53 -4.81
C VAL A 38 -17.26 13.58 -4.70
N GLU A 39 -16.18 13.25 -3.99
CA GLU A 39 -14.98 14.10 -3.83
C GLU A 39 -13.77 13.27 -4.26
N HIS A 40 -12.73 13.96 -4.74
CA HIS A 40 -11.41 13.37 -5.06
C HIS A 40 -10.31 14.21 -4.44
N PRO A 41 -10.21 14.27 -3.09
CA PRO A 41 -9.19 15.09 -2.44
C PRO A 41 -7.80 14.51 -2.73
N ASP A 42 -6.77 15.37 -2.69
CA ASP A 42 -5.36 14.93 -2.81
C ASP A 42 -5.03 13.95 -1.66
N LYS A 43 -4.15 12.99 -1.92
CA LYS A 43 -3.57 12.07 -0.91
C LYS A 43 -4.69 11.37 -0.13
N LEU A 44 -5.81 11.04 -0.78
CA LEU A 44 -7.00 10.60 -0.01
C LEU A 44 -6.64 9.28 0.70
N GLU A 45 -5.64 8.55 0.16
CA GLU A 45 -5.22 7.24 0.70
C GLU A 45 -4.37 7.44 1.97
N GLU A 46 -3.77 8.62 2.14
CA GLU A 46 -3.14 9.05 3.41
C GLU A 46 -4.17 9.71 4.35
N LYS A 47 -5.16 10.44 3.83
CA LYS A 47 -6.12 11.21 4.67
C LYS A 47 -7.14 10.25 5.29
N PHE A 48 -7.54 9.21 4.56
CA PHE A 48 -8.62 8.31 5.05
C PHE A 48 -8.26 7.75 6.42
N PRO A 49 -7.08 7.10 6.61
CA PRO A 49 -6.78 6.47 7.90
C PRO A 49 -6.77 7.49 9.04
N GLN A 50 -6.20 8.68 8.80
CA GLN A 50 -6.08 9.76 9.80
C GLN A 50 -7.48 10.20 10.24
N VAL A 51 -8.35 10.57 9.29
CA VAL A 51 -9.70 11.11 9.64
C VAL A 51 -10.63 9.99 10.14
N ALA A 52 -10.62 8.81 9.51
CA ALA A 52 -11.55 7.70 9.85
C ALA A 52 -11.30 7.23 11.29
N ALA A 53 -10.06 7.33 11.78
CA ALA A 53 -9.66 6.92 13.15
C ALA A 53 -10.39 7.77 14.19
N THR A 54 -10.78 9.01 13.83
CA THR A 54 -11.51 9.94 14.73
C THR A 54 -13.01 9.82 14.48
N GLY A 55 -13.46 8.85 13.67
CA GLY A 55 -14.88 8.62 13.38
C GLY A 55 -15.41 9.59 12.34
N ASP A 56 -14.50 10.26 11.62
CA ASP A 56 -14.75 11.22 10.52
C ASP A 56 -14.43 10.56 9.17
N GLY A 57 -14.45 11.34 8.08
CA GLY A 57 -14.10 10.90 6.72
C GLY A 57 -15.32 10.63 5.87
N PRO A 58 -15.16 10.03 4.68
CA PRO A 58 -16.31 9.72 3.83
C PRO A 58 -17.07 8.49 4.33
N ASP A 59 -18.27 8.25 3.79
CA ASP A 59 -19.04 7.01 3.97
C ASP A 59 -18.43 5.89 3.12
N ILE A 60 -17.93 6.22 1.94
CA ILE A 60 -17.32 5.24 1.00
C ILE A 60 -15.97 5.76 0.54
N ILE A 61 -14.97 4.91 0.58
CA ILE A 61 -13.62 5.25 0.03
C ILE A 61 -13.34 4.27 -1.09
N PHE A 62 -12.95 4.80 -2.25
CA PHE A 62 -12.43 4.02 -3.39
C PHE A 62 -10.92 4.09 -3.36
N TRP A 63 -10.29 2.92 -3.48
CA TRP A 63 -8.85 2.82 -3.76
C TRP A 63 -8.56 1.41 -4.26
N ALA A 64 -7.35 1.17 -4.80
CA ALA A 64 -6.89 -0.22 -5.07
C ALA A 64 -6.92 -0.98 -3.73
N HIS A 65 -7.16 -2.29 -3.79
CA HIS A 65 -7.37 -3.21 -2.63
C HIS A 65 -6.16 -3.22 -1.69
N ASP A 66 -4.96 -2.94 -2.18
CA ASP A 66 -3.71 -3.06 -1.40
C ASP A 66 -3.77 -2.25 -0.10
N ARG A 67 -4.46 -1.11 -0.07
CA ARG A 67 -4.47 -0.28 1.17
C ARG A 67 -5.50 -0.74 2.21
N PHE A 68 -6.41 -1.63 1.83
CA PHE A 68 -7.66 -1.89 2.60
C PHE A 68 -7.40 -2.78 3.83
N GLY A 69 -6.39 -3.67 3.82
CA GLY A 69 -6.01 -4.48 4.99
C GLY A 69 -5.52 -3.62 6.14
N GLY A 70 -4.61 -2.67 5.86
CA GLY A 70 -4.24 -1.58 6.79
C GLY A 70 -5.47 -0.97 7.43
N TYR A 71 -6.44 -0.56 6.62
CA TYR A 71 -7.66 0.16 7.09
C TYR A 71 -8.49 -0.79 7.97
N ALA A 72 -8.65 -2.04 7.56
CA ALA A 72 -9.44 -3.07 8.26
C ALA A 72 -8.77 -3.41 9.61
N GLN A 73 -7.45 -3.55 9.62
CA GLN A 73 -6.65 -3.87 10.82
C GLN A 73 -6.86 -2.77 11.86
N SER A 74 -6.90 -1.50 11.45
CA SER A 74 -7.08 -0.33 12.36
C SER A 74 -8.55 -0.11 12.70
N GLY A 75 -9.45 -0.99 12.24
CA GLY A 75 -10.88 -0.99 12.56
C GLY A 75 -11.65 0.08 11.82
N LEU A 76 -11.17 0.52 10.66
CA LEU A 76 -11.73 1.70 9.95
C LEU A 76 -12.78 1.30 8.92
N LEU A 77 -12.98 0.00 8.67
CA LEU A 77 -13.91 -0.51 7.62
C LEU A 77 -15.00 -1.40 8.21
N ALA A 78 -16.21 -1.29 7.67
CA ALA A 78 -17.34 -2.18 7.97
C ALA A 78 -17.12 -3.50 7.24
N GLU A 79 -17.37 -4.62 7.92
CA GLU A 79 -17.50 -5.90 7.19
C GLU A 79 -18.66 -5.75 6.21
N ILE A 80 -18.45 -6.09 4.96
CA ILE A 80 -19.58 -6.18 4.00
C ILE A 80 -19.98 -7.66 3.92
N THR A 81 -21.29 -7.92 3.77
CA THR A 81 -21.90 -9.28 3.77
C THR A 81 -22.95 -9.30 2.65
N PRO A 82 -22.53 -9.29 1.38
CA PRO A 82 -23.49 -9.44 0.29
C PRO A 82 -24.00 -10.89 0.37
N ASP A 83 -25.23 -11.13 -0.09
CA ASP A 83 -25.78 -12.51 -0.19
C ASP A 83 -25.10 -13.21 -1.38
N LYS A 84 -25.19 -14.53 -1.39
CA LYS A 84 -24.63 -15.41 -2.44
C LYS A 84 -25.04 -14.90 -3.82
N ALA A 85 -26.30 -14.51 -3.99
CA ALA A 85 -26.82 -14.13 -5.33
C ALA A 85 -25.98 -12.97 -5.87
N PHE A 86 -25.63 -12.01 -5.00
CA PHE A 86 -24.79 -10.84 -5.37
C PHE A 86 -23.31 -11.26 -5.50
N GLN A 87 -22.78 -12.03 -4.55
CA GLN A 87 -21.37 -12.48 -4.65
C GLN A 87 -21.12 -13.16 -6.00
N ASP A 88 -22.08 -13.95 -6.46
CA ASP A 88 -21.98 -14.76 -7.71
C ASP A 88 -21.89 -13.84 -8.95
N LYS A 89 -22.34 -12.60 -8.85
CA LYS A 89 -22.32 -11.66 -9.99
C LYS A 89 -20.88 -11.17 -10.24
N LEU A 90 -19.97 -11.28 -9.28
CA LEU A 90 -18.57 -10.81 -9.47
C LEU A 90 -17.65 -12.02 -9.53
N TYR A 91 -16.53 -11.87 -10.23
CA TYR A 91 -15.49 -12.92 -10.32
C TYR A 91 -14.94 -13.18 -8.94
N PRO A 92 -14.90 -14.46 -8.56
CA PRO A 92 -14.31 -14.88 -7.30
C PRO A 92 -12.94 -14.25 -7.02
N PHE A 93 -12.08 -14.07 -8.04
CA PHE A 93 -10.69 -13.61 -7.77
C PHE A 93 -10.74 -12.14 -7.34
N THR A 94 -11.78 -11.40 -7.72
CA THR A 94 -11.95 -10.00 -7.29
C THR A 94 -12.36 -9.99 -5.81
N TRP A 95 -13.21 -10.92 -5.38
CA TRP A 95 -13.65 -11.02 -3.96
C TRP A 95 -12.43 -11.34 -3.10
N ASP A 96 -11.55 -12.21 -3.60
CA ASP A 96 -10.30 -12.64 -2.91
C ASP A 96 -9.43 -11.43 -2.62
N ALA A 97 -9.41 -10.44 -3.51
CA ALA A 97 -8.57 -9.23 -3.35
C ALA A 97 -9.04 -8.42 -2.15
N VAL A 98 -10.32 -8.53 -1.80
CA VAL A 98 -10.93 -7.69 -0.72
C VAL A 98 -11.27 -8.57 0.49
N ARG A 99 -10.62 -9.72 0.63
CA ARG A 99 -10.75 -10.57 1.84
C ARG A 99 -9.56 -10.30 2.76
N TYR A 100 -9.83 -10.07 4.04
CA TYR A 100 -8.81 -9.84 5.09
C TYR A 100 -9.22 -10.56 6.38
N ASN A 101 -8.33 -11.42 6.89
CA ASN A 101 -8.59 -12.29 8.09
C ASN A 101 -9.96 -12.94 7.96
N GLY A 102 -10.27 -13.46 6.77
CA GLY A 102 -11.48 -14.25 6.48
C GLY A 102 -12.72 -13.42 6.17
N LYS A 103 -12.70 -12.09 6.34
CA LYS A 103 -13.91 -11.21 6.18
C LYS A 103 -13.78 -10.37 4.91
N LEU A 104 -14.86 -10.22 4.17
CA LEU A 104 -14.97 -9.24 3.05
C LEU A 104 -14.99 -7.83 3.65
N ILE A 105 -14.04 -6.98 3.27
CA ILE A 105 -13.88 -5.60 3.83
C ILE A 105 -14.13 -4.54 2.76
N ALA A 106 -14.53 -4.91 1.54
CA ALA A 106 -14.84 -3.96 0.45
C ALA A 106 -15.56 -4.65 -0.70
N TYR A 107 -16.22 -3.87 -1.56
CA TYR A 107 -16.72 -4.36 -2.88
C TYR A 107 -15.64 -4.16 -3.93
N PRO A 108 -15.28 -5.22 -4.69
CA PRO A 108 -14.39 -5.08 -5.84
C PRO A 108 -15.14 -4.41 -7.01
N ILE A 109 -14.48 -3.51 -7.74
CA ILE A 109 -15.07 -2.77 -8.89
C ILE A 109 -14.39 -3.20 -10.19
N ALA A 110 -13.06 -3.13 -10.28
CA ALA A 110 -12.34 -3.27 -11.56
C ALA A 110 -10.90 -3.69 -11.31
N VAL A 111 -10.40 -4.55 -12.19
CA VAL A 111 -9.00 -5.02 -12.21
C VAL A 111 -8.18 -4.07 -13.09
N GLU A 112 -7.09 -3.58 -12.52
CA GLU A 112 -6.16 -2.59 -13.12
C GLU A 112 -4.77 -3.22 -13.23
N ALA A 113 -4.14 -3.04 -14.38
CA ALA A 113 -2.71 -3.31 -14.58
C ALA A 113 -2.17 -2.26 -15.54
N LEU A 114 -0.91 -1.93 -15.40
CA LEU A 114 -0.21 -1.06 -16.37
C LEU A 114 0.01 -1.83 -17.66
N SER A 115 -0.07 -1.11 -18.77
CA SER A 115 0.39 -1.52 -20.11
C SER A 115 1.40 -0.53 -20.68
N LEU A 116 2.09 -0.96 -21.73
CA LEU A 116 2.85 -0.06 -22.62
C LEU A 116 1.85 0.54 -23.59
N ILE A 117 1.74 1.86 -23.59
CA ILE A 117 0.89 2.66 -24.50
C ILE A 117 1.86 3.30 -25.49
N TYR A 118 1.66 3.10 -26.79
CA TYR A 118 2.62 3.59 -27.81
C TYR A 118 1.84 4.32 -28.92
N ASN A 119 2.51 5.31 -29.49
CA ASN A 119 1.97 6.14 -30.58
C ASN A 119 2.31 5.39 -31.88
N LYS A 120 1.31 4.84 -32.55
CA LYS A 120 1.45 4.00 -33.78
C LYS A 120 2.05 4.81 -34.95
N ASP A 121 1.78 6.12 -35.03
CA ASP A 121 2.34 6.99 -36.09
C ASP A 121 3.84 7.20 -35.88
N LEU A 122 4.38 7.15 -34.66
CA LEU A 122 5.83 7.32 -34.42
C LEU A 122 6.52 5.96 -34.38
N LEU A 123 5.84 4.96 -33.84
CA LEU A 123 6.41 3.66 -33.49
C LEU A 123 5.45 2.55 -33.92
N PRO A 124 5.41 2.24 -35.23
CA PRO A 124 4.50 1.22 -35.77
C PRO A 124 4.64 -0.12 -35.05
N ASN A 125 5.88 -0.51 -34.74
CA ASN A 125 6.21 -1.71 -33.93
C ASN A 125 6.84 -1.29 -32.62
N PRO A 126 6.12 -1.42 -31.49
CA PRO A 126 6.69 -1.07 -30.18
C PRO A 126 7.77 -2.07 -29.77
N PRO A 127 8.73 -1.64 -28.94
CA PRO A 127 9.84 -2.52 -28.53
C PRO A 127 9.39 -3.66 -27.61
N LYS A 128 9.99 -4.83 -27.83
CA LYS A 128 9.69 -6.06 -27.06
C LYS A 128 10.52 -6.06 -25.78
N THR A 129 11.64 -5.35 -25.74
CA THR A 129 12.62 -5.38 -24.63
C THR A 129 12.85 -3.94 -24.15
N TRP A 130 13.11 -3.76 -22.85
CA TRP A 130 13.69 -2.52 -22.27
C TRP A 130 15.07 -2.24 -22.88
N GLU A 131 15.85 -3.30 -23.15
CA GLU A 131 17.26 -3.16 -23.59
C GLU A 131 17.36 -2.39 -24.92
N GLU A 132 16.34 -2.44 -25.77
CA GLU A 132 16.37 -1.74 -27.09
C GLU A 132 15.85 -0.30 -27.01
N ILE A 133 15.41 0.17 -25.84
CA ILE A 133 14.80 1.53 -25.69
C ILE A 133 15.85 2.63 -25.85
N PRO A 134 17.07 2.55 -25.27
CA PRO A 134 18.13 3.50 -25.56
C PRO A 134 18.38 3.76 -27.05
N ALA A 135 18.53 2.73 -27.89
CA ALA A 135 18.84 2.92 -29.33
C ALA A 135 17.57 3.48 -30.00
N LEU A 136 16.39 3.01 -29.59
CA LEU A 136 15.13 3.60 -30.08
C LEU A 136 15.06 5.10 -29.74
N ASP A 137 15.39 5.46 -28.51
CA ASP A 137 15.43 6.88 -28.09
C ASP A 137 16.40 7.65 -29.00
N LYS A 138 17.62 7.17 -29.27
CA LYS A 138 18.61 7.92 -30.10
C LYS A 138 18.04 8.16 -31.49
N GLU A 139 17.43 7.11 -32.04
CA GLU A 139 16.75 7.16 -33.35
C GLU A 139 15.66 8.25 -33.33
N LEU A 140 14.83 8.28 -32.28
CA LEU A 140 13.71 9.24 -32.16
C LEU A 140 14.21 10.66 -31.83
N LYS A 141 15.33 10.83 -31.10
CA LYS A 141 15.86 12.20 -30.77
C LYS A 141 16.39 12.89 -32.06
N ALA A 142 16.96 12.13 -33.00
CA ALA A 142 17.45 12.60 -34.32
C ALA A 142 16.29 13.17 -35.13
N LYS A 143 15.06 12.81 -34.79
CA LYS A 143 13.81 13.28 -35.44
C LYS A 143 13.01 14.21 -34.54
N GLY A 144 13.59 14.71 -33.45
CA GLY A 144 12.91 15.67 -32.55
C GLY A 144 11.86 15.06 -31.62
N LYS A 145 11.97 13.78 -31.29
CA LYS A 145 11.04 13.06 -30.39
C LYS A 145 11.85 12.35 -29.30
N SER A 146 11.18 11.70 -28.36
CA SER A 146 11.78 10.83 -27.32
C SER A 146 11.09 9.47 -27.35
N ALA A 147 11.76 8.42 -26.87
CA ALA A 147 11.18 7.05 -26.87
C ALA A 147 10.04 6.91 -25.83
N LEU A 148 10.25 7.34 -24.57
CA LEU A 148 9.41 6.91 -23.42
C LEU A 148 9.38 7.97 -22.31
N MET A 149 8.19 8.32 -21.85
CA MET A 149 8.04 9.06 -20.58
C MET A 149 6.86 8.48 -19.82
N PHE A 150 7.10 8.33 -18.53
CA PHE A 150 6.13 7.85 -17.52
C PHE A 150 6.52 8.47 -16.18
N ASN A 151 5.56 8.41 -15.27
CA ASN A 151 5.59 8.97 -13.90
C ASN A 151 6.70 8.29 -13.08
N LEU A 152 7.77 9.02 -12.76
CA LEU A 152 8.89 8.46 -11.97
C LEU A 152 8.74 8.87 -10.51
N GLN A 153 7.61 9.46 -10.13
CA GLN A 153 7.36 9.95 -8.74
C GLN A 153 6.60 8.89 -7.95
N GLU A 154 6.00 7.91 -8.64
CA GLU A 154 5.18 6.88 -8.00
C GLU A 154 5.72 5.51 -8.37
N PRO A 155 6.13 4.70 -7.37
CA PRO A 155 6.86 3.46 -7.64
C PRO A 155 6.03 2.38 -8.34
N TYR A 156 4.70 2.55 -8.34
CA TYR A 156 3.74 1.70 -9.08
C TYR A 156 4.17 1.52 -10.55
N PHE A 157 4.68 2.58 -11.17
CA PHE A 157 5.02 2.65 -12.61
C PHE A 157 6.41 2.04 -12.86
N THR A 158 7.29 2.09 -11.88
CA THR A 158 8.68 1.57 -12.00
C THR A 158 8.73 0.10 -11.55
N TRP A 159 7.76 -0.33 -10.73
CA TRP A 159 7.73 -1.68 -10.10
C TRP A 159 7.82 -2.79 -11.14
N PRO A 160 7.06 -2.72 -12.26
CA PRO A 160 7.10 -3.78 -13.28
C PRO A 160 8.54 -4.06 -13.76
N LEU A 161 9.40 -3.05 -13.79
CA LEU A 161 10.81 -3.23 -14.22
C LEU A 161 11.64 -3.78 -13.07
N ILE A 162 11.40 -3.26 -11.86
CA ILE A 162 12.12 -3.72 -10.64
C ILE A 162 11.85 -5.21 -10.42
N ALA A 163 10.63 -5.64 -10.69
CA ALA A 163 10.15 -7.01 -10.40
C ALA A 163 10.55 -8.00 -11.49
N ALA A 164 10.84 -7.52 -12.73
CA ALA A 164 11.09 -8.39 -13.91
C ALA A 164 12.17 -9.44 -13.59
N ASP A 165 13.35 -9.02 -13.13
CA ASP A 165 14.50 -9.95 -12.96
C ASP A 165 14.56 -10.51 -11.52
N GLY A 166 13.55 -10.29 -10.70
CA GLY A 166 13.35 -11.06 -9.45
C GLY A 166 13.24 -10.19 -8.19
N GLY A 167 13.03 -8.88 -8.33
CA GLY A 167 12.46 -8.06 -7.24
C GLY A 167 11.05 -8.52 -6.88
N TYR A 168 10.72 -8.51 -5.59
CA TYR A 168 9.38 -8.78 -5.04
C TYR A 168 9.21 -8.02 -3.74
N ALA A 169 7.97 -7.82 -3.29
CA ALA A 169 7.67 -7.11 -2.04
C ALA A 169 7.68 -8.13 -0.90
N PHE A 170 6.69 -9.03 -0.91
CA PHE A 170 6.48 -10.10 0.09
C PHE A 170 6.26 -11.40 -0.69
N LYS A 171 7.01 -12.44 -0.31
CA LYS A 171 7.15 -13.69 -1.09
C LYS A 171 5.84 -14.48 -1.05
N TYR A 172 5.36 -15.05 -2.14
CA TYR A 172 4.16 -15.94 -2.13
C TYR A 172 4.53 -17.31 -2.74
N ALA A 173 4.08 -18.40 -2.11
CA ALA A 173 4.13 -19.77 -2.68
C ALA A 173 3.07 -20.66 -1.99
N LYS A 176 0.29 -18.60 1.58
CA LYS A 176 0.08 -17.18 2.02
C LYS A 176 1.30 -16.31 1.63
N TYR A 177 1.30 -15.05 2.08
CA TYR A 177 2.37 -14.04 1.88
C TYR A 177 3.33 -14.06 3.07
N ASP A 178 4.53 -14.58 2.85
CA ASP A 178 5.62 -14.57 3.87
C ASP A 178 6.12 -13.13 4.05
N ILE A 179 5.64 -12.47 5.11
CA ILE A 179 6.03 -11.09 5.52
C ILE A 179 7.49 -11.05 6.00
N LYS A 180 8.09 -12.20 6.35
CA LYS A 180 9.52 -12.33 6.77
C LYS A 180 10.45 -12.28 5.55
N ASP A 181 9.93 -12.45 4.32
CA ASP A 181 10.73 -12.59 3.07
C ASP A 181 10.45 -11.41 2.13
N VAL A 182 11.26 -10.34 2.25
CA VAL A 182 11.17 -9.07 1.45
C VAL A 182 12.29 -9.06 0.40
N GLY A 183 11.96 -8.86 -0.88
CA GLY A 183 12.91 -8.96 -2.01
C GLY A 183 13.14 -7.61 -2.67
N VAL A 184 13.29 -6.57 -1.86
CA VAL A 184 13.44 -5.16 -2.35
C VAL A 184 14.92 -4.89 -2.66
N ASP A 185 15.87 -5.49 -1.94
CA ASP A 185 17.30 -5.16 -2.20
C ASP A 185 18.07 -6.40 -2.70
N ASN A 186 17.39 -7.35 -3.35
CA ASN A 186 18.06 -8.51 -3.98
C ASN A 186 18.66 -8.10 -5.34
N ALA A 187 19.28 -9.02 -6.07
CA ALA A 187 20.04 -8.74 -7.32
C ALA A 187 19.07 -8.27 -8.41
N GLY A 188 17.92 -8.93 -8.51
CA GLY A 188 16.89 -8.65 -9.52
C GLY A 188 16.38 -7.24 -9.36
N ALA A 189 16.12 -6.82 -8.12
CA ALA A 189 15.58 -5.47 -7.85
C ALA A 189 16.66 -4.48 -8.26
N LYS A 190 17.91 -4.72 -7.87
CA LYS A 190 19.06 -3.84 -8.18
C LYS A 190 19.21 -3.66 -9.69
N ALA A 191 19.06 -4.75 -10.45
CA ALA A 191 19.25 -4.80 -11.90
C ALA A 191 18.19 -3.91 -12.55
N GLY A 192 16.91 -4.08 -12.19
CA GLY A 192 15.80 -3.24 -12.69
C GLY A 192 16.02 -1.78 -12.37
N LEU A 193 16.31 -1.44 -11.12
CA LEU A 193 16.43 -0.02 -10.73
C LEU A 193 17.68 0.56 -11.38
N THR A 194 18.74 -0.24 -11.53
CA THR A 194 19.99 0.22 -12.19
C THR A 194 19.65 0.58 -13.65
N PHE A 195 18.91 -0.27 -14.35
CA PHE A 195 18.51 -0.01 -15.76
C PHE A 195 17.76 1.32 -15.84
N LEU A 196 16.87 1.60 -14.88
CA LEU A 196 16.09 2.85 -14.86
C LEU A 196 17.01 4.04 -14.67
N VAL A 197 17.87 3.96 -13.65
CA VAL A 197 18.84 5.06 -13.35
C VAL A 197 19.77 5.29 -14.56
N ASP A 198 20.14 4.24 -15.30
CA ASP A 198 21.03 4.40 -16.49
C ASP A 198 20.26 5.14 -17.58
N LEU A 199 18.97 4.83 -17.75
CA LEU A 199 18.08 5.51 -18.71
C LEU A 199 18.16 7.01 -18.40
N ILE A 200 18.08 7.39 -17.13
CA ILE A 200 18.11 8.79 -16.63
C ILE A 200 19.51 9.39 -16.82
N LYS A 201 20.55 8.70 -16.35
CA LYS A 201 21.96 9.12 -16.53
C LYS A 201 22.26 9.38 -18.02
N ASN A 202 21.74 8.57 -18.94
CA ASN A 202 22.00 8.67 -20.40
C ASN A 202 21.01 9.62 -21.08
N LYS A 203 20.11 10.30 -20.34
CA LYS A 203 19.23 11.39 -20.83
C LYS A 203 18.09 10.82 -21.69
N HIS A 204 17.77 9.54 -21.52
CA HIS A 204 16.62 8.87 -22.18
C HIS A 204 15.35 9.18 -21.39
N MET A 205 15.53 9.49 -20.10
CA MET A 205 14.45 9.93 -19.20
C MET A 205 14.99 10.99 -18.23
N ASN A 206 14.09 11.73 -17.62
CA ASN A 206 14.38 12.86 -16.71
C ASN A 206 13.79 12.47 -15.37
N ALA A 207 14.58 12.48 -14.28
CA ALA A 207 14.13 12.03 -12.94
C ALA A 207 12.91 12.84 -12.43
N ASP A 208 12.68 14.06 -12.94
CA ASP A 208 11.59 14.96 -12.46
C ASP A 208 10.27 14.66 -13.16
N THR A 209 10.24 13.79 -14.17
CA THR A 209 8.98 13.45 -14.87
C THR A 209 7.97 12.84 -13.91
N ASP A 210 6.76 13.39 -13.96
CA ASP A 210 5.63 12.99 -13.10
C ASP A 210 4.44 12.61 -13.99
N TYR A 211 3.29 12.31 -13.41
CA TYR A 211 2.09 11.87 -14.12
C TYR A 211 1.73 12.88 -15.22
N SER A 212 1.65 14.18 -14.85
CA SER A 212 1.16 15.27 -15.72
C SER A 212 2.07 15.45 -16.92
N ILE A 213 3.36 15.53 -16.66
CA ILE A 213 4.39 15.78 -17.71
C ILE A 213 4.39 14.62 -18.72
N ALA A 214 4.37 13.34 -18.28
CA ALA A 214 4.33 12.16 -19.18
C ALA A 214 3.05 12.22 -20.00
N GLU A 215 1.90 12.44 -19.36
CA GLU A 215 0.58 12.45 -20.02
C GLU A 215 0.57 13.56 -21.09
N ALA A 216 1.00 14.77 -20.74
CA ALA A 216 0.98 15.92 -21.66
C ALA A 216 1.86 15.59 -22.88
N ALA A 217 3.08 15.06 -22.66
CA ALA A 217 4.07 14.78 -23.71
C ALA A 217 3.59 13.64 -24.61
N PHE A 218 2.93 12.61 -24.06
CA PHE A 218 2.42 11.51 -24.91
C PHE A 218 1.23 12.05 -25.72
N ASN A 219 0.33 12.77 -25.05
CA ASN A 219 -0.97 13.20 -25.63
C ASN A 219 -0.73 14.32 -26.66
N LYS A 220 0.41 15.01 -26.64
CA LYS A 220 0.87 15.96 -27.69
C LYS A 220 1.79 15.30 -28.74
N GLY A 221 2.03 14.00 -28.69
CA GLY A 221 2.82 13.30 -29.72
C GLY A 221 4.30 13.62 -29.64
N GLU A 222 4.82 14.03 -28.48
CA GLU A 222 6.27 14.37 -28.34
C GLU A 222 7.09 13.12 -27.96
N THR A 223 6.48 12.16 -27.27
CA THR A 223 7.15 10.90 -26.87
C THR A 223 6.36 9.72 -27.43
N ALA A 224 7.05 8.68 -27.85
CA ALA A 224 6.45 7.55 -28.61
C ALA A 224 5.73 6.58 -27.68
N MET A 225 6.05 6.60 -26.38
CA MET A 225 5.58 5.60 -25.40
C MET A 225 5.35 6.22 -24.03
N THR A 226 4.35 5.72 -23.32
CA THR A 226 4.16 5.92 -21.87
C THR A 226 3.76 4.59 -21.25
N ILE A 227 3.69 4.58 -19.94
CA ILE A 227 3.25 3.42 -19.13
C ILE A 227 2.11 3.93 -18.27
N ASN A 228 0.94 3.37 -18.47
CA ASN A 228 -0.23 3.87 -17.70
C ASN A 228 -1.31 2.82 -17.68
N GLY A 229 -2.32 3.11 -16.87
CA GLY A 229 -3.47 2.23 -16.63
C GLY A 229 -4.65 2.63 -17.52
N PRO A 230 -5.73 1.82 -17.50
CA PRO A 230 -6.89 2.07 -18.35
C PRO A 230 -7.50 3.46 -18.17
N TRP A 231 -7.41 4.00 -16.96
CA TRP A 231 -8.00 5.33 -16.65
C TRP A 231 -7.45 6.37 -17.62
N ALA A 232 -6.24 6.16 -18.15
CA ALA A 232 -5.53 7.17 -18.96
C ALA A 232 -6.12 7.26 -20.37
N TRP A 233 -6.86 6.24 -20.83
CA TRP A 233 -7.12 6.09 -22.28
C TRP A 233 -7.98 7.25 -22.77
N SER A 234 -8.94 7.71 -21.96
CA SER A 234 -9.95 8.78 -22.27
C SER A 234 -9.22 10.02 -22.78
N ASN A 235 -8.22 10.46 -22.04
CA ASN A 235 -7.45 11.68 -22.38
C ASN A 235 -6.68 11.46 -23.68
N ILE A 236 -6.24 10.23 -23.95
CA ILE A 236 -5.52 9.98 -25.24
C ILE A 236 -6.55 10.02 -26.38
N ASP A 237 -7.72 9.41 -26.19
CA ASP A 237 -8.84 9.44 -27.17
C ASP A 237 -9.15 10.88 -27.55
N THR A 238 -9.23 11.76 -26.55
CA THR A 238 -9.46 13.22 -26.73
C THR A 238 -8.34 13.83 -27.59
N SER A 239 -7.08 13.39 -27.42
CA SER A 239 -5.87 13.96 -28.08
C SER A 239 -5.73 13.52 -29.55
N ALA A 240 -6.50 12.54 -30.03
CA ALA A 240 -6.39 12.01 -31.41
C ALA A 240 -4.96 11.53 -31.73
N VAL A 241 -4.13 11.24 -30.74
CA VAL A 241 -2.92 10.40 -30.98
C VAL A 241 -3.42 9.03 -31.44
N ASN A 242 -2.77 8.45 -32.41
CA ASN A 242 -3.11 7.08 -32.87
C ASN A 242 -2.39 6.07 -31.96
N TYR A 243 -3.02 5.56 -30.91
CA TYR A 243 -2.29 4.82 -29.85
C TYR A 243 -2.65 3.34 -29.87
N GLY A 244 -1.71 2.53 -29.42
CA GLY A 244 -1.95 1.12 -29.10
C GLY A 244 -1.68 0.87 -27.64
N VAL A 245 -2.26 -0.19 -27.11
CA VAL A 245 -2.06 -0.67 -25.72
C VAL A 245 -1.48 -2.07 -25.85
N THR A 246 -0.30 -2.35 -25.30
CA THR A 246 0.38 -3.62 -25.58
C THR A 246 1.11 -4.13 -24.34
N VAL A 247 1.67 -5.32 -24.51
CA VAL A 247 2.49 -6.01 -23.47
C VAL A 247 3.68 -5.12 -23.14
N LEU A 248 3.97 -4.97 -21.85
CA LEU A 248 5.15 -4.23 -21.36
C LEU A 248 6.42 -4.89 -21.89
N PRO A 249 7.53 -4.14 -22.08
CA PRO A 249 8.77 -4.76 -22.56
C PRO A 249 9.32 -5.75 -21.52
N THR A 250 10.02 -6.76 -22.00
CA THR A 250 10.79 -7.67 -21.14
C THR A 250 12.08 -6.97 -20.70
N PHE A 251 12.65 -7.49 -19.63
CA PHE A 251 13.97 -7.11 -19.09
C PHE A 251 14.73 -8.40 -18.85
N LYS A 252 15.96 -8.48 -19.36
CA LYS A 252 16.84 -9.67 -19.26
C LYS A 252 16.05 -10.92 -19.62
N GLY A 253 15.22 -10.83 -20.65
CA GLY A 253 14.43 -11.93 -21.21
C GLY A 253 13.15 -12.25 -20.43
N GLN A 254 12.86 -11.53 -19.35
CA GLN A 254 11.72 -11.87 -18.44
C GLN A 254 10.63 -10.80 -18.51
N PRO A 255 9.35 -11.18 -18.36
CA PRO A 255 8.24 -10.22 -18.44
C PRO A 255 8.40 -9.15 -17.35
N SER A 256 7.99 -7.93 -17.67
CA SER A 256 7.75 -6.87 -16.67
C SER A 256 6.53 -7.33 -15.88
N LYS A 257 6.58 -7.22 -14.55
CA LYS A 257 5.56 -7.80 -13.64
C LYS A 257 4.85 -6.67 -12.93
N PRO A 258 3.80 -6.08 -13.51
CA PRO A 258 3.08 -4.98 -12.86
C PRO A 258 2.36 -5.51 -11.62
N PHE A 259 2.33 -4.70 -10.57
CA PHE A 259 1.52 -4.99 -9.36
C PHE A 259 0.06 -4.73 -9.74
N VAL A 260 -0.76 -5.77 -9.71
CA VAL A 260 -2.17 -5.66 -10.16
C VAL A 260 -3.02 -5.13 -9.01
N GLY A 261 -3.85 -4.11 -9.28
CA GLY A 261 -4.82 -3.55 -8.34
C GLY A 261 -6.28 -3.89 -8.70
N VAL A 262 -7.09 -4.15 -7.68
CA VAL A 262 -8.56 -4.18 -7.83
C VAL A 262 -9.09 -2.90 -7.19
N LEU A 263 -9.53 -1.96 -8.02
CA LEU A 263 -10.28 -0.78 -7.54
C LEU A 263 -11.45 -1.31 -6.69
N SER A 264 -11.54 -0.85 -5.44
CA SER A 264 -12.44 -1.44 -4.43
C SER A 264 -13.11 -0.30 -3.68
N ALA A 265 -14.31 -0.56 -3.15
CA ALA A 265 -15.13 0.44 -2.46
C ALA A 265 -15.40 -0.09 -1.06
N GLY A 266 -14.84 0.58 -0.05
CA GLY A 266 -14.95 0.24 1.38
C GLY A 266 -15.89 1.20 2.10
N ILE A 267 -16.62 0.70 3.09
CA ILE A 267 -17.60 1.49 3.86
C ILE A 267 -16.95 1.85 5.19
N ASN A 268 -16.97 3.12 5.54
CA ASN A 268 -16.35 3.62 6.78
C ASN A 268 -17.08 3.00 7.99
N ALA A 269 -16.33 2.42 8.93
CA ALA A 269 -16.84 1.81 10.18
C ALA A 269 -17.62 2.85 10.99
N ALA A 270 -17.20 4.11 10.94
CA ALA A 270 -17.83 5.25 11.65
C ALA A 270 -19.08 5.76 10.91
N SER A 271 -19.42 5.24 9.71
CA SER A 271 -20.54 5.78 8.90
C SER A 271 -21.86 5.38 9.56
N PRO A 272 -22.79 6.34 9.77
CA PRO A 272 -24.18 6.00 10.09
C PRO A 272 -25.04 5.65 8.86
N ASN A 273 -24.41 5.51 7.70
CA ASN A 273 -25.15 5.40 6.40
C ASN A 273 -24.80 4.07 5.72
N LYS A 274 -24.58 3.02 6.51
CA LYS A 274 -24.00 1.75 5.98
C LYS A 274 -25.01 1.08 5.06
N GLU A 275 -26.28 0.98 5.45
CA GLU A 275 -27.35 0.38 4.62
C GLU A 275 -27.52 1.20 3.33
N LEU A 276 -27.44 2.53 3.40
CA LEU A 276 -27.47 3.40 2.20
C LEU A 276 -26.25 3.12 1.30
N ALA A 277 -25.04 3.07 1.87
CA ALA A 277 -23.77 2.76 1.16
C ALA A 277 -23.88 1.37 0.48
N LYS A 278 -24.40 0.37 1.19
CA LYS A 278 -24.55 -1.02 0.67
CA LYS A 278 -24.51 -1.01 0.64
C LYS A 278 -25.50 -1.02 -0.53
N GLU A 279 -26.66 -0.35 -0.39
CA GLU A 279 -27.73 -0.24 -1.43
C GLU A 279 -27.12 0.48 -2.65
N PHE A 280 -26.38 1.57 -2.41
CA PHE A 280 -25.69 2.30 -3.49
C PHE A 280 -24.77 1.37 -4.27
N LEU A 281 -23.84 0.71 -3.56
CA LEU A 281 -22.72 0.02 -4.24
C LEU A 281 -23.27 -1.22 -4.93
N GLU A 282 -24.19 -1.95 -4.27
CA GLU A 282 -24.68 -3.27 -4.77
C GLU A 282 -25.65 -3.07 -5.94
N ASN A 283 -26.58 -2.12 -5.81
CA ASN A 283 -27.79 -2.03 -6.67
C ASN A 283 -27.79 -0.81 -7.58
N TYR A 284 -26.79 0.08 -7.53
CA TYR A 284 -26.65 1.19 -8.50
C TYR A 284 -25.28 1.09 -9.21
N LEU A 285 -24.18 1.05 -8.46
CA LEU A 285 -22.81 1.05 -9.06
C LEU A 285 -22.55 -0.28 -9.76
N LEU A 286 -22.63 -1.39 -9.01
CA LEU A 286 -22.17 -2.71 -9.51
C LEU A 286 -23.31 -3.32 -10.32
N THR A 287 -23.64 -2.62 -11.40
CA THR A 287 -24.67 -2.96 -12.42
C THR A 287 -24.08 -2.56 -13.77
N ASP A 288 -24.55 -3.17 -14.87
CA ASP A 288 -24.17 -2.78 -16.26
C ASP A 288 -24.23 -1.26 -16.41
N GLU A 289 -25.33 -0.63 -15.97
CA GLU A 289 -25.60 0.83 -16.20
C GLU A 289 -24.65 1.65 -15.33
N GLY A 290 -24.44 1.26 -14.07
CA GLY A 290 -23.60 2.01 -13.13
C GLY A 290 -22.15 2.02 -13.59
N LEU A 291 -21.62 0.84 -13.92
CA LEU A 291 -20.21 0.69 -14.34
C LEU A 291 -20.03 1.38 -15.71
N GLU A 292 -20.99 1.26 -16.62
CA GLU A 292 -20.94 1.96 -17.94
C GLU A 292 -20.79 3.47 -17.71
N ALA A 293 -21.60 4.03 -16.83
CA ALA A 293 -21.56 5.48 -16.48
C ALA A 293 -20.12 5.86 -16.10
N VAL A 294 -19.48 5.11 -15.20
CA VAL A 294 -18.10 5.40 -14.72
C VAL A 294 -17.09 5.14 -15.84
N ASN A 295 -17.20 3.98 -16.49
CA ASN A 295 -16.23 3.52 -17.52
C ASN A 295 -16.16 4.53 -18.68
N LYS A 296 -17.32 5.07 -19.08
CA LYS A 296 -17.44 6.05 -20.19
C LYS A 296 -16.77 7.36 -19.77
N ASP A 297 -16.64 7.64 -18.47
CA ASP A 297 -15.94 8.88 -18.02
C ASP A 297 -14.44 8.58 -18.06
N LYS A 298 -13.98 7.64 -17.22
CA LYS A 298 -12.57 7.12 -17.28
C LYS A 298 -12.62 5.60 -17.24
N PRO A 299 -12.03 4.90 -18.23
CA PRO A 299 -12.10 3.45 -18.26
C PRO A 299 -11.60 2.74 -16.99
N LEU A 300 -12.38 1.76 -16.55
CA LEU A 300 -12.16 1.03 -15.27
C LEU A 300 -11.11 -0.07 -15.45
N GLY A 301 -10.99 -0.65 -16.65
CA GLY A 301 -10.21 -1.89 -16.87
C GLY A 301 -11.13 -3.08 -17.05
N ALA A 302 -10.76 -4.24 -16.53
CA ALA A 302 -11.62 -5.44 -16.50
C ALA A 302 -12.48 -5.39 -15.23
N VAL A 303 -13.73 -5.01 -15.40
CA VAL A 303 -14.67 -4.81 -14.27
C VAL A 303 -14.92 -6.15 -13.59
N ALA A 304 -15.27 -6.08 -12.30
CA ALA A 304 -15.50 -7.25 -11.44
C ALA A 304 -16.83 -7.93 -11.82
N LEU A 305 -17.75 -7.17 -12.40
CA LEU A 305 -19.13 -7.61 -12.66
C LEU A 305 -19.08 -8.44 -13.95
N LYS A 306 -19.31 -9.75 -13.85
CA LYS A 306 -19.20 -10.71 -14.98
C LYS A 306 -20.00 -10.23 -16.20
N SER A 307 -21.26 -9.85 -16.04
CA SER A 307 -22.14 -9.48 -17.18
C SER A 307 -21.48 -8.35 -18.00
N TYR A 308 -20.92 -7.33 -17.35
CA TYR A 308 -20.36 -6.16 -18.07
C TYR A 308 -18.95 -6.47 -18.57
N GLU A 309 -18.18 -7.28 -17.84
CA GLU A 309 -16.81 -7.65 -18.27
C GLU A 309 -16.91 -8.35 -19.63
N GLU A 310 -17.87 -9.26 -19.78
CA GLU A 310 -18.13 -9.99 -21.05
C GLU A 310 -18.37 -8.99 -22.17
N GLU A 311 -19.19 -7.96 -21.93
CA GLU A 311 -19.59 -6.95 -22.93
C GLU A 311 -18.36 -6.18 -23.42
N LEU A 312 -17.34 -5.95 -22.56
CA LEU A 312 -16.15 -5.12 -22.88
C LEU A 312 -14.93 -5.99 -23.20
N ALA A 313 -15.05 -7.32 -23.04
CA ALA A 313 -13.92 -8.28 -23.14
C ALA A 313 -13.28 -8.24 -24.53
N LYS A 314 -14.05 -7.90 -25.56
CA LYS A 314 -13.66 -7.87 -27.00
C LYS A 314 -12.71 -6.69 -27.28
N ASP A 315 -12.65 -5.70 -26.38
CA ASP A 315 -11.78 -4.51 -26.54
C ASP A 315 -10.33 -4.96 -26.40
N PRO A 316 -9.49 -4.80 -27.45
CA PRO A 316 -8.11 -5.26 -27.36
C PRO A 316 -7.26 -4.53 -26.30
N ARG A 317 -7.66 -3.33 -25.90
CA ARG A 317 -6.97 -2.57 -24.83
C ARG A 317 -7.19 -3.32 -23.49
N ILE A 318 -8.38 -3.88 -23.28
CA ILE A 318 -8.69 -4.69 -22.08
C ILE A 318 -7.88 -5.97 -22.18
N ALA A 319 -7.87 -6.59 -23.37
CA ALA A 319 -7.15 -7.85 -23.62
C ALA A 319 -5.69 -7.64 -23.22
N ALA A 320 -5.12 -6.53 -23.66
CA ALA A 320 -3.72 -6.17 -23.33
C ALA A 320 -3.59 -5.92 -21.83
N THR A 321 -4.58 -5.30 -21.19
CA THR A 321 -4.53 -5.05 -19.73
C THR A 321 -4.42 -6.40 -19.00
N MET A 322 -5.22 -7.37 -19.41
CA MET A 322 -5.28 -8.69 -18.73
C MET A 322 -4.02 -9.52 -19.06
N GLU A 323 -3.43 -9.35 -20.24
CA GLU A 323 -2.13 -10.00 -20.57
C GLU A 323 -1.06 -9.46 -19.62
N ASN A 324 -1.04 -8.15 -19.37
CA ASN A 324 -0.02 -7.61 -18.44
C ASN A 324 -0.30 -8.13 -17.02
N ALA A 325 -1.57 -8.19 -16.61
CA ALA A 325 -2.01 -8.59 -15.25
C ALA A 325 -1.60 -10.05 -14.99
N GLN A 326 -1.78 -10.92 -15.97
CA GLN A 326 -1.35 -12.35 -15.96
C GLN A 326 0.16 -12.46 -15.77
N LYS A 327 0.97 -11.59 -16.37
CA LYS A 327 2.44 -11.59 -16.18
C LYS A 327 2.77 -10.97 -14.83
N GLY A 328 1.82 -10.26 -14.23
CA GLY A 328 1.99 -9.54 -12.97
C GLY A 328 1.60 -10.40 -11.79
N GLU A 329 1.44 -9.76 -10.65
CA GLU A 329 0.94 -10.38 -9.41
C GLU A 329 -0.10 -9.43 -8.81
N ILE A 330 -1.22 -9.99 -8.37
CA ILE A 330 -2.22 -9.31 -7.51
C ILE A 330 -1.50 -8.73 -6.28
N MET A 331 -1.72 -7.45 -5.97
CA MET A 331 -1.03 -6.85 -4.82
C MET A 331 -1.48 -7.56 -3.55
N PRO A 332 -0.55 -7.73 -2.59
CA PRO A 332 -0.95 -8.12 -1.25
C PRO A 332 -1.81 -6.99 -0.65
N ASN A 333 -2.69 -7.29 0.32
CA ASN A 333 -3.54 -6.28 1.04
C ASN A 333 -3.08 -6.18 2.50
N ILE A 334 -1.91 -6.72 2.81
CA ILE A 334 -1.40 -6.82 4.22
C ILE A 334 -1.14 -5.41 4.75
N PRO A 335 -1.27 -5.21 6.08
CA PRO A 335 -1.14 -3.88 6.68
C PRO A 335 0.16 -3.13 6.36
N GLN A 336 1.26 -3.84 6.08
CA GLN A 336 2.63 -3.27 5.85
CA GLN A 336 2.59 -3.17 5.87
C GLN A 336 2.80 -2.77 4.39
N MET A 337 1.79 -2.93 3.53
CA MET A 337 1.85 -2.47 2.11
C MET A 337 2.15 -0.97 2.07
N SER A 338 1.49 -0.18 2.91
CA SER A 338 1.70 1.29 2.99
C SER A 338 3.18 1.59 3.20
N ALA A 339 3.83 0.87 4.15
CA ALA A 339 5.26 1.05 4.51
C ALA A 339 6.14 0.64 3.34
N PHE A 340 5.83 -0.50 2.73
CA PHE A 340 6.53 -1.01 1.52
C PHE A 340 6.54 0.09 0.44
N TRP A 341 5.37 0.66 0.13
CA TRP A 341 5.23 1.66 -0.96
C TRP A 341 6.00 2.94 -0.59
N TYR A 342 5.91 3.37 0.65
CA TYR A 342 6.61 4.59 1.12
C TYR A 342 8.13 4.40 0.92
N ALA A 343 8.64 3.23 1.27
CA ALA A 343 10.08 2.88 1.21
C ALA A 343 10.55 2.90 -0.25
N VAL A 344 9.85 2.15 -1.10
CA VAL A 344 10.19 2.01 -2.54
C VAL A 344 10.02 3.37 -3.24
N ARG A 345 9.05 4.19 -2.86
CA ARG A 345 8.84 5.55 -3.46
C ARG A 345 10.13 6.35 -3.24
N THR A 346 10.58 6.38 -1.99
CA THR A 346 11.80 7.10 -1.56
C THR A 346 13.00 6.53 -2.32
N ALA A 347 13.13 5.20 -2.40
CA ALA A 347 14.27 4.54 -3.05
C ALA A 347 14.31 4.96 -4.52
N VAL A 348 13.17 4.92 -5.22
CA VAL A 348 13.19 5.24 -6.68
C VAL A 348 13.53 6.74 -6.85
N ILE A 349 12.87 7.61 -6.10
CA ILE A 349 13.12 9.08 -6.24
C ILE A 349 14.60 9.37 -5.99
N ASN A 350 15.17 8.83 -4.90
CA ASN A 350 16.57 9.09 -4.50
C ASN A 350 17.57 8.48 -5.51
N ALA A 351 17.34 7.28 -6.02
CA ALA A 351 18.25 6.66 -7.01
C ALA A 351 18.23 7.50 -8.30
N ALA A 352 17.04 7.93 -8.69
CA ALA A 352 16.78 8.67 -9.95
C ALA A 352 17.47 10.02 -9.89
N SER A 353 17.39 10.69 -8.72
CA SER A 353 17.93 12.05 -8.47
C SER A 353 19.45 12.01 -8.29
N GLY A 354 20.02 10.84 -7.96
CA GLY A 354 21.43 10.71 -7.55
C GLY A 354 21.67 10.99 -6.08
N ARG A 355 20.65 11.37 -5.30
CA ARG A 355 20.79 11.55 -3.83
C ARG A 355 21.38 10.29 -3.18
N GLN A 356 20.97 9.11 -3.60
CA GLN A 356 21.59 7.85 -3.13
C GLN A 356 21.94 7.03 -4.36
N THR A 357 22.91 6.13 -4.19
CA THR A 357 23.18 5.06 -5.18
C THR A 357 22.05 4.04 -5.10
N VAL A 358 21.96 3.18 -6.11
CA VAL A 358 20.93 2.11 -6.15
C VAL A 358 21.08 1.24 -4.89
N ASP A 359 22.31 0.83 -4.56
CA ASP A 359 22.61 -0.04 -3.37
C ASP A 359 22.10 0.67 -2.10
N GLU A 360 22.45 1.94 -1.92
CA GLU A 360 22.05 2.71 -0.71
C GLU A 360 20.51 2.80 -0.68
N ALA A 361 19.88 3.12 -1.82
CA ALA A 361 18.43 3.41 -1.90
C ALA A 361 17.65 2.13 -1.54
N LEU A 362 17.98 1.01 -2.17
CA LEU A 362 17.23 -0.26 -1.99
C LEU A 362 17.53 -0.87 -0.63
N LYS A 363 18.70 -0.59 -0.04
CA LYS A 363 19.05 -1.07 1.33
C LYS A 363 18.04 -0.44 2.31
N ASP A 364 17.91 0.89 2.25
CA ASP A 364 16.99 1.66 3.11
C ASP A 364 15.57 1.16 2.85
N ALA A 365 15.23 0.84 1.59
CA ALA A 365 13.86 0.41 1.27
C ALA A 365 13.60 -0.96 1.92
N GLN A 366 14.58 -1.86 1.88
CA GLN A 366 14.48 -3.21 2.51
C GLN A 366 14.24 -3.02 4.02
N THR A 367 15.04 -2.15 4.66
CA THR A 367 14.97 -1.87 6.11
C THR A 367 13.55 -1.37 6.40
N GLY A 368 13.10 -0.39 5.64
CA GLY A 368 11.77 0.23 5.79
C GLY A 368 10.67 -0.81 5.63
N SER A 369 10.77 -1.67 4.63
CA SER A 369 9.72 -2.68 4.35
C SER A 369 9.71 -3.78 5.44
N GLU A 370 10.86 -4.10 6.02
CA GLU A 370 11.01 -5.17 7.04
C GLU A 370 10.76 -4.60 8.44
N LEU A 371 10.57 -3.28 8.58
CA LEU A 371 10.68 -2.60 9.89
C LEU A 371 9.59 -3.11 10.84
N TYR A 372 8.33 -3.13 10.40
CA TYR A 372 7.24 -3.54 11.33
C TYR A 372 7.51 -4.98 11.82
N ARG A 373 7.70 -5.95 10.93
CA ARG A 373 7.74 -7.36 11.34
C ARG A 373 8.97 -7.59 12.23
N GLN A 374 10.09 -6.96 11.91
CA GLN A 374 11.35 -7.04 12.68
C GLN A 374 11.11 -6.48 14.09
N SER A 375 10.53 -5.28 14.19
CA SER A 375 10.21 -4.60 15.48
C SER A 375 9.26 -5.47 16.33
N LEU A 376 8.16 -5.94 15.74
CA LEU A 376 7.21 -6.88 16.41
C LEU A 376 7.97 -8.08 17.00
N GLU A 377 8.82 -8.75 16.23
CA GLU A 377 9.50 -9.98 16.70
C GLU A 377 10.31 -9.71 17.97
N ILE A 378 11.03 -8.58 17.99
CA ILE A 378 11.89 -8.18 19.14
C ILE A 378 10.96 -7.82 20.30
N ILE A 379 9.97 -6.97 20.06
CA ILE A 379 9.11 -6.42 21.14
C ILE A 379 8.23 -7.54 21.72
N SER A 380 7.67 -8.39 20.87
CA SER A 380 6.81 -9.49 21.34
C SER A 380 7.67 -10.45 22.17
N ARG A 381 8.82 -10.87 21.68
CA ARG A 381 9.72 -11.79 22.43
C ARG A 381 10.11 -11.15 23.76
N TYR A 382 10.44 -9.86 23.82
CA TYR A 382 10.88 -9.24 25.10
C TYR A 382 9.72 -9.27 26.13
N LEU A 383 8.50 -8.86 25.75
CA LEU A 383 7.35 -8.78 26.68
C LEU A 383 7.02 -10.20 27.15
N ARG A 384 6.91 -11.17 26.24
CA ARG A 384 6.55 -12.57 26.60
C ARG A 384 7.60 -13.21 27.52
N GLU A 385 8.91 -13.09 27.24
CA GLU A 385 9.93 -13.72 28.09
C GLU A 385 10.01 -12.97 29.43
N GLN A 386 9.75 -11.67 29.45
CA GLN A 386 9.73 -10.93 30.73
C GLN A 386 8.56 -11.45 31.60
N ALA A 387 7.39 -11.63 30.98
CA ALA A 387 6.14 -12.05 31.62
C ALA A 387 6.25 -13.46 32.20
N THR A 388 6.84 -14.41 31.48
CA THR A 388 6.84 -15.85 31.86
C THR A 388 8.16 -16.31 32.52
N GLY A 389 9.27 -15.62 32.28
CA GLY A 389 10.60 -16.00 32.77
C GLY A 389 11.32 -16.93 31.80
N ALA A 390 10.69 -17.26 30.67
CA ALA A 390 11.20 -18.25 29.69
C ALA A 390 11.26 -17.62 28.30
N ALA A 391 12.39 -17.72 27.62
CA ALA A 391 12.56 -17.20 26.24
C ALA A 391 11.79 -18.11 25.27
N ASP A 392 11.43 -17.54 24.12
CA ASP A 392 10.72 -18.25 23.03
C ASP A 392 11.73 -19.14 22.32
N THR A 393 11.44 -20.42 22.20
CA THR A 393 12.37 -21.42 21.63
C THR A 393 12.48 -21.22 20.11
N ALA A 394 11.42 -20.75 19.44
CA ALA A 394 11.32 -20.75 17.97
C ALA A 394 12.44 -19.90 17.37
N PRO A 395 13.02 -20.34 16.22
CA PRO A 395 14.15 -19.64 15.61
C PRO A 395 13.76 -18.26 15.06
N MET A 396 14.70 -17.34 15.06
CA MET A 396 14.46 -15.91 14.76
C MET A 396 14.07 -15.69 13.29
N GLY A 397 14.44 -16.59 12.37
CA GLY A 397 14.24 -16.42 10.92
C GLY A 397 15.25 -15.43 10.34
N ALA A 398 14.99 -14.94 9.11
CA ALA A 398 15.83 -13.96 8.37
C ALA A 398 16.08 -12.71 9.21
N SER A 399 17.28 -12.12 9.08
CA SER A 399 17.83 -11.01 9.91
C SER A 399 17.82 -11.45 11.38
N GLY A 400 17.97 -12.75 11.61
CA GLY A 400 17.83 -13.39 12.93
C GLY A 400 18.95 -12.95 13.83
N ALA A 401 20.12 -12.65 13.23
CA ALA A 401 21.29 -12.10 13.96
C ALA A 401 20.90 -10.73 14.53
N THR A 402 20.30 -9.86 13.71
CA THR A 402 19.84 -8.50 14.13
C THR A 402 18.86 -8.62 15.30
N SER A 403 17.85 -9.48 15.14
CA SER A 403 16.74 -9.72 16.09
C SER A 403 17.32 -10.22 17.40
N ARG A 404 18.19 -11.25 17.33
CA ARG A 404 18.86 -11.87 18.50
C ARG A 404 19.68 -10.80 19.22
N LYS A 405 20.44 -9.98 18.50
CA LYS A 405 21.40 -9.05 19.15
C LYS A 405 20.63 -7.86 19.74
N ALA A 406 19.57 -7.43 19.03
CA ALA A 406 18.64 -6.40 19.52
C ALA A 406 17.92 -6.90 20.77
N LEU A 407 17.46 -8.16 20.78
CA LEU A 407 16.78 -8.76 21.96
C LEU A 407 17.76 -8.78 23.13
N GLU A 408 19.01 -9.19 22.88
CA GLU A 408 20.09 -9.27 23.90
C GLU A 408 20.40 -7.88 24.46
N THR A 409 20.52 -6.88 23.61
CA THR A 409 20.73 -5.47 24.03
C THR A 409 19.56 -5.03 24.90
N LEU A 410 18.34 -5.27 24.42
CA LEU A 410 17.11 -4.76 25.09
C LEU A 410 17.03 -5.41 26.48
N ARG A 411 17.42 -6.69 26.60
CA ARG A 411 17.48 -7.40 27.90
C ARG A 411 18.33 -6.56 28.86
N ARG A 412 19.55 -6.22 28.50
CA ARG A 412 20.44 -5.35 29.33
C ARG A 412 19.77 -4.00 29.62
N VAL A 413 19.43 -3.25 28.58
CA VAL A 413 19.01 -1.82 28.72
C VAL A 413 17.57 -1.72 29.27
N GLY A 414 16.65 -2.54 28.77
CA GLY A 414 15.27 -2.57 29.25
C GLY A 414 15.18 -3.03 30.71
N ASP A 415 15.94 -4.05 31.10
CA ASP A 415 15.87 -4.55 32.51
C ASP A 415 16.34 -3.41 33.41
N GLY A 416 17.40 -2.73 33.01
CA GLY A 416 17.93 -1.53 33.68
C GLY A 416 16.87 -0.45 33.85
N VAL A 417 16.06 -0.12 32.84
CA VAL A 417 15.06 0.96 33.09
C VAL A 417 13.98 0.43 34.05
N GLN A 418 13.52 -0.82 33.92
CA GLN A 418 12.47 -1.33 34.83
C GLN A 418 12.99 -1.32 36.28
N ARG A 419 14.28 -1.57 36.49
CA ARG A 419 14.89 -1.61 37.85
C ARG A 419 15.00 -0.17 38.37
N ASN A 420 15.64 0.72 37.62
CA ASN A 420 15.92 2.10 38.08
C ASN A 420 14.60 2.89 38.18
N HIS A 421 13.65 2.69 37.25
CA HIS A 421 12.37 3.47 37.21
C HIS A 421 11.23 2.62 37.78
N GLU A 422 11.52 1.61 38.60
CA GLU A 422 10.44 0.77 39.21
C GLU A 422 9.39 1.69 39.85
N THR A 423 9.80 2.77 40.50
CA THR A 423 8.90 3.67 41.25
C THR A 423 7.86 4.26 40.31
N ALA A 424 8.30 4.90 39.22
CA ALA A 424 7.36 5.57 38.28
C ALA A 424 6.50 4.51 37.59
N PHE A 425 7.08 3.36 37.21
CA PHE A 425 6.38 2.26 36.50
C PHE A 425 5.30 1.68 37.45
N GLN A 426 5.66 1.26 38.67
CA GLN A 426 4.70 0.76 39.69
C GLN A 426 3.61 1.81 39.90
N GLY A 427 3.99 3.08 40.04
CA GLY A 427 3.02 4.18 40.24
C GLY A 427 2.00 4.27 39.12
N MET A 428 2.47 4.26 37.86
CA MET A 428 1.61 4.36 36.67
C MET A 428 0.77 3.07 36.55
N LEU A 429 1.38 1.90 36.72
CA LEU A 429 0.64 0.61 36.73
C LEU A 429 -0.47 0.61 37.82
N ARG A 430 -0.22 1.15 39.03
CA ARG A 430 -1.20 1.11 40.16
C ARG A 430 -2.38 2.04 39.86
N LYS A 431 -2.11 3.18 39.23
CA LYS A 431 -3.12 4.19 38.79
C LYS A 431 -4.11 3.55 37.80
N LEU A 432 -3.61 3.02 36.68
CA LEU A 432 -4.44 2.32 35.65
C LEU A 432 -4.94 1.04 36.33
N ASP A 433 -6.18 0.62 36.18
CA ASP A 433 -6.62 -0.54 37.00
C ASP A 433 -6.67 -1.76 36.09
N ILE A 434 -5.50 -2.12 35.54
CA ILE A 434 -5.38 -3.12 34.44
C ILE A 434 -5.89 -4.46 34.99
N LYS A 435 -7.08 -4.91 34.56
CA LYS A 435 -7.57 -6.24 35.01
C LYS A 435 -8.13 -7.07 33.84
N ASN A 436 -8.10 -6.56 32.61
CA ASN A 436 -8.74 -7.22 31.44
C ASN A 436 -8.28 -6.54 30.14
N GLU A 437 -8.67 -7.13 29.01
CA GLU A 437 -8.38 -6.65 27.63
C GLU A 437 -8.91 -5.21 27.40
N ASP A 438 -10.04 -4.81 28.00
CA ASP A 438 -10.60 -3.43 27.84
C ASP A 438 -9.63 -2.41 28.47
N ASP A 439 -9.21 -2.67 29.72
CA ASP A 439 -8.22 -1.86 30.47
C ASP A 439 -6.92 -1.77 29.64
N VAL A 440 -6.50 -2.86 29.00
CA VAL A 440 -5.25 -2.88 28.19
C VAL A 440 -5.43 -1.98 26.97
N LYS A 441 -6.58 -2.07 26.28
CA LYS A 441 -6.81 -1.25 25.06
C LYS A 441 -6.77 0.24 25.42
N SER A 442 -7.33 0.61 26.59
CA SER A 442 -7.35 2.00 27.11
C SER A 442 -5.91 2.46 27.36
N LEU A 443 -5.11 1.65 28.06
CA LEU A 443 -3.65 1.90 28.30
C LEU A 443 -2.97 2.21 26.95
N SER A 444 -3.18 1.33 25.96
CA SER A 444 -2.60 1.44 24.59
C SER A 444 -2.88 2.85 24.05
N ARG A 445 -4.14 3.30 24.09
CA ARG A 445 -4.56 4.66 23.62
C ARG A 445 -3.71 5.73 24.34
N VAL A 446 -3.60 5.68 25.67
CA VAL A 446 -2.82 6.67 26.47
C VAL A 446 -1.35 6.62 26.05
N MET A 447 -0.79 5.42 26.05
CA MET A 447 0.67 5.22 25.79
C MET A 447 0.97 5.69 24.36
N ILE A 448 0.05 5.40 23.43
CA ILE A 448 0.13 5.87 22.01
C ILE A 448 0.32 7.39 22.03
N HIS A 449 -0.59 8.11 22.71
CA HIS A 449 -0.53 9.60 22.86
C HIS A 449 0.84 10.01 23.43
N VAL A 450 1.22 9.49 24.62
CA VAL A 450 2.45 9.94 25.35
C VAL A 450 3.68 9.71 24.48
N PHE A 451 3.79 8.56 23.82
CA PHE A 451 4.99 8.26 23.00
C PHE A 451 5.00 9.19 21.77
N SER A 452 3.85 9.32 21.10
CA SER A 452 3.71 10.05 19.81
C SER A 452 4.09 11.52 20.05
N ASP A 453 3.65 12.06 21.19
CA ASP A 453 3.74 13.50 21.57
C ASP A 453 5.18 13.88 21.93
N GLY A 454 6.04 12.92 22.26
CA GLY A 454 7.39 13.23 22.76
C GLY A 454 8.45 13.16 21.67
N VAL A 455 9.72 13.38 22.08
CA VAL A 455 10.93 13.46 21.22
C VAL A 455 11.39 12.04 20.81
N THR A 456 12.32 11.96 19.87
CA THR A 456 12.79 10.68 19.29
C THR A 456 14.24 10.42 19.70
N ASN A 457 14.48 9.31 20.42
CA ASN A 457 15.83 8.78 20.73
C ASN A 457 15.63 7.35 21.29
N TRP A 458 16.70 6.57 21.35
CA TRP A 458 16.65 5.12 21.70
C TRP A 458 16.19 4.94 23.16
N GLY A 459 16.48 5.92 24.04
CA GLY A 459 16.13 5.90 25.47
C GLY A 459 14.63 5.91 25.65
N ARG A 460 13.92 6.81 24.94
CA ARG A 460 12.43 6.93 24.97
C ARG A 460 11.83 5.65 24.40
N ILE A 461 12.46 5.11 23.35
CA ILE A 461 12.02 3.86 22.66
C ILE A 461 12.18 2.68 23.63
N VAL A 462 13.33 2.55 24.28
CA VAL A 462 13.55 1.52 25.35
C VAL A 462 12.51 1.70 26.47
N THR A 463 12.23 2.94 26.88
CA THR A 463 11.27 3.26 27.97
C THR A 463 9.89 2.73 27.57
N LEU A 464 9.44 2.99 26.34
CA LEU A 464 8.13 2.57 25.80
C LEU A 464 8.04 1.05 25.90
N ILE A 465 9.08 0.35 25.40
CA ILE A 465 9.11 -1.14 25.30
C ILE A 465 9.23 -1.75 26.70
N SER A 466 10.02 -1.12 27.58
CA SER A 466 10.28 -1.58 28.97
C SER A 466 9.01 -1.44 29.81
N PHE A 467 8.25 -0.35 29.62
CA PHE A 467 6.94 -0.18 30.27
C PHE A 467 6.01 -1.30 29.80
N GLY A 468 5.99 -1.57 28.49
CA GLY A 468 5.26 -2.74 27.94
C GLY A 468 5.69 -4.02 28.66
N ALA A 469 6.99 -4.22 28.90
CA ALA A 469 7.48 -5.42 29.61
C ALA A 469 6.89 -5.40 31.03
N PHE A 470 6.91 -4.25 31.68
CA PHE A 470 6.48 -4.09 33.07
C PHE A 470 5.01 -4.52 33.17
N VAL A 471 4.20 -4.00 32.26
CA VAL A 471 2.74 -4.29 32.19
C VAL A 471 2.55 -5.76 31.89
N ALA A 472 3.35 -6.33 31.00
CA ALA A 472 3.22 -7.74 30.55
C ALA A 472 3.38 -8.64 31.78
N LYS A 473 4.29 -8.28 32.69
CA LYS A 473 4.54 -9.11 33.89
C LYS A 473 3.25 -9.15 34.74
N HIS A 474 2.60 -7.99 34.87
CA HIS A 474 1.32 -7.80 35.60
C HIS A 474 0.26 -8.71 34.99
N LEU A 475 0.09 -8.64 33.68
CA LEU A 475 -0.96 -9.36 32.93
C LEU A 475 -0.79 -10.85 33.17
N LYS A 476 0.46 -11.33 33.20
CA LYS A 476 0.72 -12.77 33.45
C LYS A 476 0.22 -13.12 34.87
N THR A 477 0.49 -12.28 35.88
CA THR A 477 0.27 -12.64 37.32
C THR A 477 -1.24 -12.62 37.61
N ILE A 478 -2.02 -11.96 36.76
CA ILE A 478 -3.50 -11.83 36.91
C ILE A 478 -4.20 -12.66 35.83
N ASN A 479 -3.53 -13.67 35.28
CA ASN A 479 -4.14 -14.66 34.36
C ASN A 479 -4.71 -13.94 33.12
N GLN A 480 -4.06 -12.85 32.67
CA GLN A 480 -4.43 -12.08 31.44
C GLN A 480 -3.33 -12.19 30.39
N GLU A 481 -2.68 -13.35 30.26
CA GLU A 481 -1.52 -13.55 29.35
C GLU A 481 -1.91 -13.26 27.88
N SER A 482 -3.17 -13.54 27.53
CA SER A 482 -3.67 -13.35 26.14
C SER A 482 -3.66 -11.86 25.78
N CYS A 483 -3.48 -10.94 26.74
CA CYS A 483 -3.44 -9.49 26.43
C CYS A 483 -2.05 -9.03 25.99
N ILE A 484 -1.02 -9.86 26.18
CA ILE A 484 0.39 -9.42 25.95
C ILE A 484 0.62 -9.18 24.45
N GLU A 485 0.34 -10.14 23.57
CA GLU A 485 0.57 -9.99 22.11
C GLU A 485 -0.08 -8.69 21.57
N PRO A 486 -1.38 -8.43 21.85
CA PRO A 486 -2.03 -7.18 21.45
C PRO A 486 -1.35 -5.92 22.01
N LEU A 487 -0.80 -6.01 23.22
CA LEU A 487 0.03 -4.89 23.75
C LEU A 487 1.33 -4.77 22.90
N ALA A 488 1.96 -5.88 22.54
CA ALA A 488 3.25 -5.83 21.79
C ALA A 488 2.95 -5.21 20.42
N GLU A 489 1.84 -5.60 19.78
CA GLU A 489 1.41 -5.08 18.47
C GLU A 489 1.10 -3.59 18.56
N SER A 490 0.57 -3.14 19.69
CA SER A 490 0.19 -1.71 19.90
C SER A 490 1.46 -0.88 19.97
N ILE A 491 2.37 -1.28 20.84
CA ILE A 491 3.69 -0.61 21.03
C ILE A 491 4.43 -0.58 19.67
N THR A 492 4.46 -1.69 18.95
CA THR A 492 5.21 -1.85 17.69
C THR A 492 4.61 -0.86 16.70
N ASP A 493 3.28 -0.86 16.60
CA ASP A 493 2.55 -0.09 15.58
C ASP A 493 2.93 1.38 15.77
N VAL A 494 2.79 1.92 16.98
CA VAL A 494 3.07 3.36 17.26
C VAL A 494 4.56 3.65 17.11
N LEU A 495 5.45 2.72 17.49
CA LEU A 495 6.91 2.94 17.32
C LEU A 495 7.20 3.13 15.82
N VAL A 496 6.78 2.20 14.96
CA VAL A 496 7.22 2.19 13.53
C VAL A 496 6.47 3.26 12.74
N ARG A 497 5.20 3.55 13.09
CA ARG A 497 4.38 4.57 12.39
C ARG A 497 4.98 5.95 12.68
N THR A 498 5.17 6.31 13.96
CA THR A 498 5.56 7.69 14.36
C THR A 498 7.07 7.94 14.23
N LYS A 499 7.93 6.92 14.15
CA LYS A 499 9.40 7.17 14.13
C LYS A 499 10.03 6.51 12.90
N ARG A 500 9.23 6.26 11.86
CA ARG A 500 9.65 5.49 10.67
C ARG A 500 10.96 6.06 10.08
N ASP A 501 11.00 7.36 9.79
CA ASP A 501 12.14 7.98 9.04
C ASP A 501 13.38 7.93 9.92
N TRP A 502 13.23 8.27 11.20
CA TRP A 502 14.34 8.25 12.18
C TRP A 502 14.89 6.82 12.26
N LEU A 503 14.00 5.84 12.35
CA LEU A 503 14.43 4.41 12.51
C LEU A 503 15.29 4.03 11.30
N VAL A 504 14.82 4.36 10.10
CA VAL A 504 15.55 3.97 8.85
C VAL A 504 16.90 4.70 8.82
N LYS A 505 16.91 5.98 9.18
CA LYS A 505 18.14 6.81 9.29
C LYS A 505 19.15 6.10 10.21
N GLN A 506 18.71 5.39 11.25
CA GLN A 506 19.62 4.72 12.24
C GLN A 506 20.01 3.30 11.79
N ARG A 507 19.64 2.86 10.58
CA ARG A 507 19.78 1.46 10.11
C ARG A 507 18.97 0.55 11.04
N GLY A 508 17.80 1.01 11.48
CA GLY A 508 16.83 0.22 12.26
C GLY A 508 17.48 -0.39 13.50
N TRP A 509 17.29 -1.68 13.70
CA TRP A 509 17.70 -2.34 14.96
C TRP A 509 19.24 -2.51 15.00
N ASP A 510 19.97 -2.39 13.86
CA ASP A 510 21.45 -2.44 13.90
C ASP A 510 21.99 -1.21 14.63
N GLY A 511 21.36 -0.06 14.42
CA GLY A 511 21.68 1.20 15.09
C GLY A 511 21.41 1.10 16.58
N PHE A 512 20.34 0.41 16.96
CA PHE A 512 20.00 0.19 18.38
C PHE A 512 21.14 -0.62 19.02
N VAL A 513 21.51 -1.74 18.40
CA VAL A 513 22.61 -2.61 18.89
C VAL A 513 23.92 -1.81 18.98
N GLU A 514 24.27 -1.02 17.98
CA GLU A 514 25.55 -0.26 17.94
C GLU A 514 25.51 0.87 18.98
N PHE A 515 24.39 1.57 19.10
CA PHE A 515 24.25 2.69 20.07
C PHE A 515 24.53 2.18 21.49
N PHE A 516 24.03 1.00 21.85
CA PHE A 516 24.18 0.48 23.24
C PHE A 516 25.37 -0.48 23.36
N HIS A 517 26.16 -0.68 22.30
CA HIS A 517 27.37 -1.53 22.34
C HIS A 517 28.33 -0.95 23.37
N VAL A 518 28.92 -1.77 24.25
CA VAL A 518 29.74 -1.25 25.39
C VAL A 518 31.18 -1.75 25.27
#